data_7MG6
#
_entry.id   7MG6
#
_cell.length_a   65.729
_cell.length_b   70.890
_cell.length_c   125.839
_cell.angle_alpha   90.00
_cell.angle_beta   90.00
_cell.angle_gamma   90.00
#
_symmetry.space_group_name_H-M   'P 21 2 21'
#
loop_
_entity.id
_entity.type
_entity.pdbx_description
1 polymer Concanavalin-A
2 polymer "DNA (5'-D(P*AP*GP*CP*T)-3')"
3 non-polymer 'MANGANESE (II) ION'
4 non-polymer 'CALCIUM ION'
5 non-polymer alpha-D-mannopyranose
6 non-polymer 3-{[2-(2-hydroxyethoxy)ethyl]amino}-4-[(6-hydroxyhexyl)amino]cyclobut-3-ene-1,2-dione
7 water water
#
loop_
_entity_poly.entity_id
_entity_poly.type
_entity_poly.pdbx_seq_one_letter_code
_entity_poly.pdbx_strand_id
1 'polypeptide(L)'
;ADTIVAVELDTYPNTDIGDPSYPHIGIDIKSVRSKKTAKWNMQNGKVGTAHIIYNSVDKRLSAVVSYPNADSATVSYDVD
LDNVLPEWVRVGLSASTGLYKETNTILSWSFTSKLKSNSTHETNALHFMFNQFSKDQKDLILQGDATTGTDGNLELTRVS
SNGSPQGSSVGRALFYAPVHIWESSAVVASFEATFTFLIKSPDSHPADGIAFFISNIDSSIPSGSTGRLLGLFPDAN
;
A,B
2 'polydeoxyribonucleotide' (DA)(DG)(DC)(DT) C,D
#
loop_
_chem_comp.id
_chem_comp.type
_chem_comp.name
_chem_comp.formula
CA non-polymer 'CALCIUM ION' 'Ca 2'
DA DNA linking 2'-DEOXYADENOSINE-5'-MONOPHOSPHATE 'C10 H14 N5 O6 P'
DC DNA linking 2'-DEOXYCYTIDINE-5'-MONOPHOSPHATE 'C9 H14 N3 O7 P'
DG DNA linking 2'-DEOXYGUANOSINE-5'-MONOPHOSPHATE 'C10 H14 N5 O7 P'
DT DNA linking THYMIDINE-5'-MONOPHOSPHATE 'C10 H15 N2 O8 P'
MAN D-saccharide, alpha linking alpha-D-mannopyranose 'C6 H12 O6'
MN non-polymer 'MANGANESE (II) ION' 'Mn 2'
SQ0 non-polymer 3-{[2-(2-hydroxyethoxy)ethyl]amino}-4-[(6-hydroxyhexyl)amino]cyclobut-3-ene-1,2-dione 'C14 H24 N2 O5'
#
# COMPACT_ATOMS: atom_id res chain seq x y z
N ALA A 1 22.13 -12.22 6.82
CA ALA A 1 21.15 -11.59 7.71
C ALA A 1 20.43 -10.46 6.98
N ASP A 2 19.38 -9.98 7.60
CA ASP A 2 18.59 -8.84 7.08
C ASP A 2 19.45 -7.58 7.14
N THR A 3 19.01 -6.55 6.45
CA THR A 3 19.55 -5.18 6.52
C THR A 3 18.49 -4.33 7.23
N ILE A 4 18.85 -3.76 8.37
CA ILE A 4 17.93 -2.97 9.22
C ILE A 4 18.41 -1.54 9.42
N VAL A 5 17.50 -0.58 9.18
CA VAL A 5 17.60 0.80 9.68
C VAL A 5 16.42 0.98 10.65
N ALA A 6 16.66 1.49 11.85
CA ALA A 6 15.57 1.59 12.83
C ALA A 6 15.70 2.81 13.73
N VAL A 7 14.56 3.27 14.20
CA VAL A 7 14.49 4.20 15.35
C VAL A 7 13.96 3.42 16.51
N GLU A 8 14.80 3.34 17.57
CA GLU A 8 14.43 2.57 18.75
C GLU A 8 13.92 3.51 19.84
N LEU A 9 12.86 3.05 20.51
CA LEU A 9 12.39 3.70 21.74
C LEU A 9 12.81 2.65 22.79
N ASP A 10 14.01 2.77 23.35
CA ASP A 10 14.59 1.75 24.25
C ASP A 10 14.31 2.07 25.71
N THR A 11 13.50 1.23 26.35
CA THR A 11 13.04 1.51 27.72
C THR A 11 13.97 0.86 28.74
N TYR A 12 14.91 0.05 28.28
CA TYR A 12 15.75 -0.74 29.23
C TYR A 12 17.23 -0.59 28.91
N PRO A 13 18.02 -0.03 29.87
CA PRO A 13 19.44 0.16 29.65
C PRO A 13 20.22 -1.17 29.71
N ASN A 14 20.80 -1.54 28.59
CA ASN A 14 21.71 -2.70 28.44
C ASN A 14 23.12 -2.15 28.33
N THR A 15 23.75 -1.76 29.45
CA THR A 15 25.05 -1.03 29.42
C THR A 15 26.15 -1.94 28.85
N ASP A 16 26.00 -3.25 28.96
CA ASP A 16 26.99 -4.23 28.48
C ASP A 16 27.02 -4.27 26.95
N ILE A 17 26.01 -3.73 26.23
CA ILE A 17 26.08 -3.59 24.75
C ILE A 17 26.01 -2.11 24.35
N GLY A 18 26.46 -1.20 25.21
CA GLY A 18 26.69 0.20 24.83
C GLY A 18 25.46 1.08 24.94
N ASP A 19 24.33 0.60 25.47
CA ASP A 19 23.21 1.51 25.80
C ASP A 19 23.72 2.54 26.82
N PRO A 20 23.22 3.79 26.78
CA PRO A 20 23.37 4.71 27.90
C PRO A 20 22.63 4.15 29.13
N SER A 21 22.92 4.70 30.30
CA SER A 21 22.39 4.17 31.58
C SER A 21 20.99 4.69 31.88
N TYR A 22 20.20 5.10 30.86
CA TYR A 22 18.85 5.63 31.06
C TYR A 22 18.03 5.21 29.85
N PRO A 23 16.71 5.11 29.97
CA PRO A 23 15.85 4.91 28.80
C PRO A 23 16.16 6.00 27.76
N HIS A 24 16.09 5.66 26.49
CA HIS A 24 16.68 6.52 25.45
C HIS A 24 15.99 6.21 24.12
N ILE A 25 16.05 7.17 23.21
CA ILE A 25 15.71 6.90 21.80
C ILE A 25 17.03 6.83 21.04
N GLY A 26 17.06 6.05 19.98
CA GLY A 26 18.27 5.87 19.20
C GLY A 26 18.00 5.70 17.72
N ILE A 27 19.02 5.98 16.93
CA ILE A 27 19.08 5.62 15.51
C ILE A 27 20.01 4.44 15.32
N ASP A 28 19.44 3.37 14.80
CA ASP A 28 20.16 2.11 14.56
C ASP A 28 20.42 1.88 13.08
N ILE A 29 21.69 1.85 12.70
CA ILE A 29 22.07 1.57 11.30
C ILE A 29 22.82 0.24 11.28
N LYS A 30 22.11 -0.84 10.96
CA LYS A 30 22.68 -2.21 10.75
C LYS A 30 23.32 -2.73 12.05
N SER A 31 22.98 -2.17 13.20
CA SER A 31 23.45 -2.62 14.52
C SER A 31 22.51 -2.16 15.62
N VAL A 32 22.34 -2.98 16.64
CA VAL A 32 21.54 -2.58 17.83
C VAL A 32 22.30 -1.49 18.62
N ARG A 33 23.60 -1.33 18.39
CA ARG A 33 24.41 -0.30 19.08
C ARG A 33 24.20 1.01 18.31
N SER A 34 23.30 1.82 18.83
CA SER A 34 22.78 3.05 18.16
C SER A 34 23.98 3.91 17.73
N LYS A 35 23.89 4.45 16.53
CA LYS A 35 24.82 5.48 15.98
C LYS A 35 24.65 6.78 16.76
N LYS A 36 23.46 7.04 17.32
CA LYS A 36 23.14 8.27 18.06
C LYS A 36 21.99 7.96 19.00
N THR A 37 22.02 8.53 20.21
CA THR A 37 20.97 8.40 21.20
C THR A 37 20.63 9.74 21.79
N ALA A 38 19.45 9.81 22.37
CA ALA A 38 19.04 10.91 23.25
C ALA A 38 18.30 10.34 24.45
N LYS A 39 18.47 10.99 25.59
CA LYS A 39 17.73 10.66 26.81
C LYS A 39 16.23 10.75 26.55
N TRP A 40 15.51 9.77 27.05
CA TRP A 40 14.05 9.67 26.92
C TRP A 40 13.37 9.48 28.26
N ASN A 41 12.50 10.42 28.65
CA ASN A 41 11.71 10.36 29.91
C ASN A 41 10.43 9.57 29.61
N MET A 42 10.56 8.27 29.41
CA MET A 42 9.42 7.37 29.13
C MET A 42 8.44 7.52 30.30
N GLN A 43 7.15 7.60 30.01
CA GLN A 43 6.07 7.74 31.02
C GLN A 43 5.25 6.44 30.98
N ASN A 44 5.50 5.57 31.95
CA ASN A 44 4.77 4.30 32.13
C ASN A 44 3.27 4.57 32.15
N GLY A 45 2.54 3.91 31.25
CA GLY A 45 1.08 3.92 31.23
C GLY A 45 0.47 5.08 30.47
N LYS A 46 1.26 5.96 29.87
CA LYS A 46 0.75 7.16 29.16
C LYS A 46 0.85 6.89 27.65
N VAL A 47 -0.06 7.43 26.85
CA VAL A 47 0.07 7.29 25.37
C VAL A 47 1.09 8.31 24.88
N GLY A 48 2.10 7.87 24.12
CA GLY A 48 3.06 8.77 23.47
C GLY A 48 2.99 8.72 21.96
N THR A 49 3.73 9.62 21.34
CA THR A 49 3.76 9.78 19.86
C THR A 49 5.22 9.81 19.42
N ALA A 50 5.54 9.07 18.37
CA ALA A 50 6.84 9.05 17.69
C ALA A 50 6.64 9.56 16.27
N HIS A 51 7.57 10.40 15.83
CA HIS A 51 7.58 11.02 14.51
C HIS A 51 8.97 10.83 13.92
N ILE A 52 9.06 10.23 12.74
CA ILE A 52 10.35 9.88 12.10
C ILE A 52 10.36 10.50 10.71
N ILE A 53 11.42 11.21 10.34
CA ILE A 53 11.46 11.92 9.05
C ILE A 53 12.84 11.79 8.39
N TYR A 54 12.84 11.75 7.07
CA TYR A 54 14.04 11.68 6.25
C TYR A 54 13.74 12.23 4.87
N ASN A 55 14.68 12.96 4.28
CA ASN A 55 14.57 13.31 2.85
C ASN A 55 15.95 13.22 2.19
N SER A 56 15.96 13.10 0.89
CA SER A 56 17.16 12.82 0.06
C SER A 56 18.00 14.08 -0.13
N VAL A 57 17.47 15.24 0.26
CA VAL A 57 18.22 16.53 0.12
C VAL A 57 19.20 16.65 1.29
N ASP A 58 18.69 16.55 2.51
CA ASP A 58 19.47 16.70 3.76
C ASP A 58 20.10 15.34 4.15
N LYS A 59 19.47 14.22 3.79
CA LYS A 59 19.95 12.85 4.20
C LYS A 59 20.24 12.81 5.71
N ARG A 60 19.29 13.29 6.50
CA ARG A 60 19.40 13.29 7.97
C ARG A 60 18.19 12.54 8.50
N LEU A 61 18.38 11.40 9.14
CA LEU A 61 17.25 10.66 9.73
C LEU A 61 17.02 11.28 11.09
N SER A 62 15.82 11.76 11.36
CA SER A 62 15.44 12.44 12.60
C SER A 62 14.20 11.80 13.22
N ALA A 63 14.16 11.79 14.56
CA ALA A 63 12.99 11.32 15.31
C ALA A 63 12.68 12.23 16.46
N VAL A 64 11.39 12.38 16.73
CA VAL A 64 10.85 13.08 17.92
C VAL A 64 9.88 12.15 18.61
N VAL A 65 10.09 11.95 19.90
CA VAL A 65 9.20 11.13 20.73
C VAL A 65 8.70 11.99 21.88
N SER A 66 7.41 12.04 22.08
CA SER A 66 6.88 12.90 23.16
C SER A 66 5.56 12.41 23.71
N TYR A 67 5.21 12.99 24.86
CA TYR A 67 3.90 12.83 25.50
C TYR A 67 3.28 14.21 25.61
N PRO A 68 1.95 14.29 25.53
CA PRO A 68 1.24 15.55 25.68
C PRO A 68 1.71 16.27 26.95
N ASN A 69 1.95 17.58 26.81
CA ASN A 69 2.29 18.49 27.94
C ASN A 69 3.60 18.10 28.61
N ALA A 70 4.49 17.43 27.89
CA ALA A 70 5.87 17.16 28.36
C ALA A 70 6.79 17.62 27.25
N ASP A 71 8.06 17.80 27.59
CA ASP A 71 9.13 18.18 26.64
C ASP A 71 9.46 16.94 25.81
N SER A 72 9.71 17.11 24.54
CA SER A 72 10.02 15.99 23.61
C SER A 72 11.48 15.55 23.79
N ALA A 73 11.78 14.32 23.37
CA ALA A 73 13.15 13.87 23.05
C ALA A 73 13.31 13.83 21.54
N THR A 74 14.46 14.24 21.05
CA THR A 74 14.75 14.27 19.61
C THR A 74 16.14 13.69 19.40
N VAL A 75 16.32 12.93 18.32
CA VAL A 75 17.61 12.38 17.90
C VAL A 75 17.73 12.47 16.39
N SER A 76 18.91 12.80 15.90
CA SER A 76 19.18 12.96 14.46
C SER A 76 20.51 12.33 14.14
N TYR A 77 20.64 11.83 12.92
CA TYR A 77 21.88 11.21 12.42
C TYR A 77 21.93 11.37 10.92
N ASP A 78 23.06 11.91 10.44
CA ASP A 78 23.34 12.01 8.99
C ASP A 78 23.69 10.64 8.49
N VAL A 79 22.89 10.15 7.53
CA VAL A 79 23.12 8.85 6.87
C VAL A 79 22.53 8.90 5.47
N ASP A 80 23.32 8.53 4.47
CA ASP A 80 22.85 8.36 3.08
C ASP A 80 22.21 6.97 2.98
N LEU A 81 20.88 6.88 3.07
CA LEU A 81 20.23 5.55 3.02
C LEU A 81 20.43 4.83 1.68
N ASP A 82 20.77 5.51 0.60
CA ASP A 82 21.09 4.83 -0.69
C ASP A 82 22.26 3.86 -0.53
N ASN A 83 23.15 4.13 0.41
CA ASN A 83 24.38 3.33 0.69
C ASN A 83 24.13 2.29 1.76
N VAL A 84 22.92 2.21 2.33
CA VAL A 84 22.62 1.27 3.45
C VAL A 84 21.53 0.28 3.03
N LEU A 85 20.39 0.80 2.56
CA LEU A 85 19.21 -0.05 2.25
C LEU A 85 19.18 -0.45 0.79
N PRO A 86 18.47 -1.55 0.48
CA PRO A 86 18.11 -1.83 -0.91
C PRO A 86 17.08 -0.78 -1.34
N GLU A 87 16.96 -0.60 -2.65
CA GLU A 87 16.02 0.39 -3.26
C GLU A 87 14.61 0.11 -2.78
N TRP A 88 14.21 -1.16 -2.73
CA TRP A 88 12.87 -1.59 -2.31
C TRP A 88 12.97 -2.24 -0.94
N VAL A 89 12.03 -1.89 -0.07
CA VAL A 89 12.07 -2.25 1.36
C VAL A 89 10.65 -2.61 1.82
N ARG A 90 10.55 -3.14 3.02
CA ARG A 90 9.29 -3.04 3.78
C ARG A 90 9.55 -2.16 4.98
N VAL A 91 8.49 -1.58 5.49
CA VAL A 91 8.50 -0.78 6.72
C VAL A 91 7.65 -1.48 7.79
N GLY A 92 8.05 -1.29 9.04
CA GLY A 92 7.43 -2.08 10.11
C GLY A 92 7.61 -1.47 11.47
N LEU A 93 6.91 -2.06 12.42
CA LEU A 93 7.11 -1.81 13.86
C LEU A 93 7.53 -3.13 14.52
N SER A 94 8.41 -3.02 15.48
CA SER A 94 8.94 -4.19 16.20
C SER A 94 8.89 -3.89 17.69
N ALA A 95 8.83 -4.92 18.51
CA ALA A 95 8.98 -4.72 19.97
C ALA A 95 9.43 -6.04 20.60
N SER A 96 9.97 -5.93 21.81
CA SER A 96 10.39 -7.15 22.53
C SER A 96 10.23 -6.92 24.04
N THR A 97 10.25 -8.02 24.75
CA THR A 97 10.43 -8.11 26.22
C THR A 97 11.49 -9.18 26.46
N GLY A 98 11.98 -9.26 27.70
CA GLY A 98 13.06 -10.20 28.04
C GLY A 98 12.79 -10.70 29.44
N LEU A 99 13.76 -10.57 30.34
CA LEU A 99 13.46 -10.98 31.74
C LEU A 99 12.61 -9.88 32.39
N TYR A 100 12.65 -8.64 31.90
CA TYR A 100 11.68 -7.59 32.28
C TYR A 100 10.72 -7.35 31.11
N LYS A 101 9.58 -6.76 31.40
CA LYS A 101 8.49 -6.78 30.38
C LYS A 101 7.69 -5.48 30.41
N GLU A 102 6.81 -5.34 29.42
CA GLU A 102 5.95 -4.17 29.30
C GLU A 102 4.94 -4.51 28.20
N THR A 103 3.81 -3.86 28.21
CA THR A 103 2.92 -3.79 27.02
C THR A 103 3.64 -3.01 25.92
N ASN A 104 3.49 -3.44 24.68
CA ASN A 104 4.05 -2.75 23.51
C ASN A 104 2.90 -2.49 22.54
N THR A 105 1.98 -1.63 22.97
CA THR A 105 0.68 -1.43 22.35
C THR A 105 0.79 -0.28 21.36
N ILE A 106 0.38 -0.52 20.12
CA ILE A 106 0.34 0.52 19.05
C ILE A 106 -1.11 0.90 18.79
N LEU A 107 -1.41 2.19 18.97
CA LEU A 107 -2.77 2.74 18.83
C LEU A 107 -2.97 3.32 17.43
N SER A 108 -1.90 3.71 16.75
CA SER A 108 -2.01 4.29 15.39
C SER A 108 -0.66 4.21 14.72
N TRP A 109 -0.68 4.10 13.39
CA TRP A 109 0.57 4.10 12.62
C TRP A 109 0.27 4.71 11.26
N SER A 110 1.07 5.70 10.84
CA SER A 110 0.94 6.28 9.48
C SER A 110 2.32 6.35 8.86
N PHE A 111 2.33 6.28 7.54
CA PHE A 111 3.57 6.30 6.75
C PHE A 111 3.27 6.97 5.42
N THR A 112 4.22 7.80 4.97
CA THR A 112 4.12 8.44 3.65
C THR A 112 5.50 8.38 3.03
N SER A 113 5.61 7.96 1.77
CA SER A 113 6.88 8.01 1.03
C SER A 113 6.62 8.56 -0.37
N LYS A 114 7.55 9.38 -0.86
CA LYS A 114 7.40 10.06 -2.18
C LYS A 114 8.74 10.01 -2.90
N LEU A 115 8.71 9.77 -4.20
CA LEU A 115 9.90 9.76 -5.07
C LEU A 115 9.55 10.61 -6.29
N LYS A 116 10.37 11.64 -6.59
CA LYS A 116 10.15 12.50 -7.80
C LYS A 116 11.22 12.17 -8.85
N SER A 117 10.83 11.84 -10.08
CA SER A 117 11.77 11.33 -11.12
C SER A 117 12.60 12.49 -11.69
N ASN A 118 13.89 12.25 -11.88
CA ASN A 118 14.81 13.24 -12.48
C ASN A 118 14.40 13.46 -13.95
N SER A 119 13.87 12.44 -14.62
CA SER A 119 13.60 12.47 -16.07
C SER A 119 12.28 13.23 -16.36
N THR A 120 11.25 13.07 -15.52
CA THR A 120 9.91 13.67 -15.82
C THR A 120 9.50 14.71 -14.78
N HIS A 121 10.12 14.70 -13.59
CA HIS A 121 9.71 15.56 -12.45
C HIS A 121 8.27 15.23 -12.02
N GLU A 122 7.80 14.01 -12.30
CA GLU A 122 6.51 13.50 -11.80
C GLU A 122 6.79 12.69 -10.52
N THR A 123 5.80 12.59 -9.65
CA THR A 123 6.01 11.99 -8.31
C THR A 123 5.20 10.70 -8.20
N ASN A 124 5.82 9.71 -7.60
CA ASN A 124 5.14 8.48 -7.14
C ASN A 124 5.04 8.56 -5.63
N ALA A 125 3.93 8.16 -5.06
CA ALA A 125 3.72 8.32 -3.62
C ALA A 125 2.99 7.08 -3.08
N LEU A 126 3.23 6.79 -1.81
CA LEU A 126 2.44 5.82 -1.02
C LEU A 126 2.11 6.46 0.31
N HIS A 127 0.88 6.28 0.76
CA HIS A 127 0.49 6.69 2.11
C HIS A 127 -0.41 5.63 2.69
N PHE A 128 -0.19 5.31 3.96
CA PHE A 128 -1.19 4.53 4.71
C PHE A 128 -1.37 5.18 6.07
N MET A 129 -2.57 5.00 6.61
CA MET A 129 -2.91 5.49 7.97
C MET A 129 -3.78 4.44 8.62
N PHE A 130 -3.31 3.89 9.74
CA PHE A 130 -4.09 3.02 10.62
C PHE A 130 -4.36 3.78 11.91
N ASN A 131 -5.62 4.12 12.15
CA ASN A 131 -5.99 4.65 13.48
C ASN A 131 -6.68 3.56 14.28
N GLN A 132 -7.09 2.47 13.64
CA GLN A 132 -7.64 1.29 14.30
C GLN A 132 -7.13 0.06 13.55
N PHE A 133 -6.92 -1.02 14.29
CA PHE A 133 -6.44 -2.29 13.73
C PHE A 133 -7.57 -3.31 13.90
N SER A 134 -7.90 -4.08 12.86
CA SER A 134 -8.96 -5.12 12.98
C SER A 134 -8.36 -6.46 13.34
N LYS A 135 -9.20 -7.42 13.74
CA LYS A 135 -8.76 -8.79 14.10
C LYS A 135 -8.13 -9.46 12.87
N ASP A 136 -8.56 -9.11 11.67
CA ASP A 136 -7.95 -9.71 10.46
C ASP A 136 -7.49 -8.55 9.55
N GLN A 137 -6.28 -8.06 9.80
CA GLN A 137 -5.80 -6.81 9.15
C GLN A 137 -4.90 -7.24 7.98
N LYS A 138 -5.50 -7.50 6.81
CA LYS A 138 -4.85 -8.26 5.72
C LYS A 138 -3.71 -7.46 5.08
N ASP A 139 -3.65 -6.13 5.29
CA ASP A 139 -2.55 -5.31 4.75
C ASP A 139 -1.39 -5.21 5.75
N LEU A 140 -1.43 -5.98 6.86
CA LEU A 140 -0.25 -6.11 7.74
C LEU A 140 0.25 -7.55 7.73
N ILE A 141 1.57 -7.69 7.69
CA ILE A 141 2.29 -8.97 7.91
C ILE A 141 2.61 -8.99 9.39
N LEU A 142 1.94 -9.88 10.16
CA LEU A 142 2.26 -10.01 11.60
C LEU A 142 3.27 -11.12 11.78
N GLN A 143 4.33 -10.83 12.52
CA GLN A 143 5.41 -11.79 12.80
C GLN A 143 5.46 -12.03 14.30
N GLY A 144 5.86 -13.25 14.66
CA GLY A 144 6.11 -13.56 16.08
C GLY A 144 4.84 -13.48 16.88
N ASP A 145 4.87 -12.77 18.01
CA ASP A 145 3.76 -12.69 18.98
C ASP A 145 2.80 -11.56 18.64
N ALA A 146 3.02 -10.79 17.58
CA ALA A 146 2.15 -9.64 17.26
C ALA A 146 0.72 -10.09 16.97
N THR A 147 -0.26 -9.37 17.50
CA THR A 147 -1.70 -9.61 17.24
C THR A 147 -2.38 -8.27 17.01
N THR A 148 -3.50 -8.29 16.30
CA THR A 148 -4.36 -7.10 16.09
C THR A 148 -5.78 -7.38 16.55
N GLY A 149 -6.49 -6.30 16.89
CA GLY A 149 -7.95 -6.29 17.07
C GLY A 149 -8.35 -6.18 18.53
N THR A 150 -7.43 -6.51 19.45
CA THR A 150 -7.68 -6.43 20.91
C THR A 150 -7.86 -4.94 21.23
N ASP A 151 -9.10 -4.52 21.56
CA ASP A 151 -9.46 -3.11 21.74
C ASP A 151 -9.14 -2.26 20.49
N GLY A 152 -9.06 -2.82 19.27
CA GLY A 152 -8.71 -2.07 18.03
C GLY A 152 -7.25 -1.67 17.95
N ASN A 153 -6.42 -2.31 18.77
CA ASN A 153 -4.98 -1.96 18.86
C ASN A 153 -4.14 -3.09 18.27
N LEU A 154 -2.90 -2.76 17.99
CA LEU A 154 -1.84 -3.69 17.55
C LEU A 154 -0.98 -3.96 18.79
N GLU A 155 -1.00 -5.20 19.28
CA GLU A 155 -0.19 -5.60 20.44
C GLU A 155 1.07 -6.30 19.92
N LEU A 156 2.18 -5.60 19.90
CA LEU A 156 3.39 -6.19 19.26
C LEU A 156 3.89 -7.40 20.05
N THR A 157 3.84 -7.39 21.38
CA THR A 157 4.32 -8.53 22.20
C THR A 157 3.14 -9.12 22.98
N ARG A 158 3.35 -10.31 23.54
CA ARG A 158 2.27 -11.14 24.12
C ARG A 158 1.74 -10.49 25.41
N VAL A 159 0.42 -10.43 25.49
CA VAL A 159 -0.28 -9.97 26.72
C VAL A 159 -1.22 -11.09 27.13
N SER A 160 -1.27 -11.44 28.42
CA SER A 160 -2.08 -12.60 28.90
C SER A 160 -3.55 -12.18 28.95
N SER A 161 -4.44 -13.16 29.15
CA SER A 161 -5.90 -12.97 29.37
C SER A 161 -6.17 -11.94 30.48
N ASN A 162 -5.36 -11.89 31.55
CA ASN A 162 -5.58 -10.93 32.68
C ASN A 162 -5.00 -9.55 32.36
N GLY A 163 -4.47 -9.33 31.13
CA GLY A 163 -3.95 -8.03 30.67
C GLY A 163 -2.48 -7.79 31.03
N SER A 164 -1.78 -8.72 31.64
CA SER A 164 -0.37 -8.49 32.03
C SER A 164 0.55 -8.92 30.88
N PRO A 165 1.55 -8.08 30.58
CA PRO A 165 2.53 -8.38 29.56
C PRO A 165 3.37 -9.61 29.95
N GLN A 166 3.84 -10.35 28.94
CA GLN A 166 4.69 -11.54 29.15
C GLN A 166 6.14 -11.18 28.84
N GLY A 167 7.04 -11.87 29.53
CA GLY A 167 8.47 -11.80 29.25
C GLY A 167 8.85 -12.59 28.01
N SER A 168 10.09 -12.42 27.58
CA SER A 168 10.69 -13.20 26.48
C SER A 168 9.77 -13.26 25.26
N SER A 169 9.23 -12.12 24.85
CA SER A 169 8.27 -12.02 23.71
C SER A 169 8.88 -11.11 22.64
N VAL A 170 8.60 -11.43 21.41
CA VAL A 170 9.01 -10.55 20.27
C VAL A 170 7.92 -10.61 19.23
N GLY A 171 7.62 -9.46 18.63
CA GLY A 171 6.60 -9.41 17.57
C GLY A 171 6.79 -8.21 16.69
N ARG A 172 6.30 -8.30 15.46
CA ARG A 172 6.51 -7.22 14.48
C ARG A 172 5.30 -7.15 13.58
N ALA A 173 5.08 -5.98 13.00
CA ALA A 173 4.05 -5.76 11.97
C ALA A 173 4.69 -5.02 10.82
N LEU A 174 4.56 -5.55 9.61
CA LEU A 174 5.12 -4.90 8.41
C LEU A 174 3.98 -4.54 7.48
N PHE A 175 4.08 -3.40 6.81
CA PHE A 175 3.07 -3.11 5.79
C PHE A 175 3.24 -4.08 4.61
N TYR A 176 2.11 -4.54 4.05
CA TYR A 176 2.15 -5.60 3.02
C TYR A 176 2.93 -5.16 1.79
N ALA A 177 2.72 -3.94 1.30
CA ALA A 177 3.31 -3.51 0.00
C ALA A 177 4.78 -3.18 0.22
N PRO A 178 5.66 -3.64 -0.68
CA PRO A 178 7.01 -3.09 -0.77
C PRO A 178 6.96 -1.58 -1.03
N VAL A 179 7.99 -0.89 -0.59
CA VAL A 179 8.16 0.58 -0.65
C VAL A 179 9.44 0.89 -1.40
N HIS A 180 9.37 1.84 -2.32
CA HIS A 180 10.55 2.26 -3.11
C HIS A 180 11.16 3.41 -2.33
N ILE A 181 12.18 3.13 -1.52
CA ILE A 181 12.62 4.10 -0.49
C ILE A 181 13.68 5.05 -1.05
N TRP A 182 14.41 4.63 -2.09
CA TRP A 182 15.38 5.52 -2.80
C TRP A 182 15.49 5.09 -4.24
N GLU A 183 15.94 5.99 -5.10
CA GLU A 183 16.16 5.70 -6.53
C GLU A 183 17.21 6.71 -7.03
N SER A 184 18.29 6.23 -7.66
CA SER A 184 19.41 7.12 -8.08
C SER A 184 18.82 8.16 -9.04
N SER A 185 17.83 7.76 -9.84
CA SER A 185 17.16 8.57 -10.87
C SER A 185 16.02 9.44 -10.30
N ALA A 186 15.85 9.51 -8.97
CA ALA A 186 14.92 10.43 -8.29
C ALA A 186 15.65 11.73 -7.96
N VAL A 187 15.04 12.87 -8.30
CA VAL A 187 15.62 14.21 -8.00
C VAL A 187 15.35 14.56 -6.54
N VAL A 188 14.22 14.15 -5.94
CA VAL A 188 13.93 14.38 -4.51
C VAL A 188 13.10 13.19 -4.01
N ALA A 189 13.37 12.73 -2.80
CA ALA A 189 12.61 11.61 -2.18
C ALA A 189 12.46 11.91 -0.70
N SER A 190 11.37 11.43 -0.08
CA SER A 190 11.20 11.67 1.37
C SER A 190 10.33 10.55 1.95
N PHE A 191 10.44 10.37 3.26
CA PHE A 191 9.42 9.56 3.97
C PHE A 191 9.19 10.16 5.34
N GLU A 192 8.03 9.84 5.88
CA GLU A 192 7.73 10.18 7.26
C GLU A 192 6.91 9.03 7.81
N ALA A 193 7.14 8.73 9.08
CA ALA A 193 6.34 7.75 9.82
C ALA A 193 5.92 8.40 11.12
N THR A 194 4.71 8.06 11.57
CA THR A 194 4.23 8.48 12.90
C THR A 194 3.58 7.27 13.55
N PHE A 195 3.74 7.06 14.84
CA PHE A 195 2.91 6.08 15.53
C PHE A 195 2.61 6.55 16.95
N THR A 196 1.52 6.05 17.50
CA THR A 196 1.18 6.30 18.91
C THR A 196 1.25 4.98 19.63
N PHE A 197 1.75 5.02 20.86
CA PHE A 197 2.11 3.79 21.59
C PHE A 197 1.74 3.95 23.06
N LEU A 198 1.53 2.82 23.69
CA LEU A 198 1.20 2.77 25.15
C LEU A 198 2.07 1.67 25.75
N ILE A 199 3.06 2.05 26.55
CA ILE A 199 4.01 1.12 27.20
C ILE A 199 3.64 1.15 28.69
N LYS A 200 3.17 0.03 29.21
CA LYS A 200 2.74 -0.11 30.63
C LYS A 200 3.53 -1.27 31.23
N SER A 201 4.14 -1.08 32.40
CA SER A 201 4.84 -2.20 33.08
C SER A 201 4.39 -2.22 34.52
N PRO A 202 3.90 -3.37 35.03
CA PRO A 202 3.59 -3.49 36.45
C PRO A 202 4.84 -3.88 37.24
N ASP A 203 5.83 -4.44 36.54
CA ASP A 203 6.86 -5.33 37.13
C ASP A 203 8.04 -4.46 37.50
N SER A 204 7.78 -3.26 38.03
CA SER A 204 8.81 -2.22 38.25
C SER A 204 9.36 -1.88 36.87
N HIS A 205 10.63 -2.24 36.60
CA HIS A 205 11.44 -1.84 35.43
C HIS A 205 10.82 -2.35 34.13
N PRO A 206 10.39 -1.44 33.25
CA PRO A 206 9.90 -1.86 31.94
C PRO A 206 11.06 -2.29 31.03
N ALA A 207 10.77 -3.23 30.13
CA ALA A 207 11.69 -3.63 29.03
C ALA A 207 10.84 -4.24 27.92
N ASP A 208 11.33 -4.21 26.66
CA ASP A 208 12.64 -3.72 26.23
C ASP A 208 12.53 -2.51 25.29
N GLY A 209 11.40 -2.34 24.61
CA GLY A 209 11.20 -1.17 23.74
C GLY A 209 10.41 -1.51 22.49
N ILE A 210 10.18 -0.46 21.71
CA ILE A 210 9.49 -0.47 20.40
C ILE A 210 10.43 0.15 19.39
N ALA A 211 10.39 -0.34 18.14
CA ALA A 211 11.18 0.33 17.08
C ALA A 211 10.33 0.49 15.84
N PHE A 212 10.53 1.59 15.12
CA PHE A 212 10.09 1.68 13.72
C PHE A 212 11.28 1.25 12.90
N PHE A 213 11.10 0.39 11.91
CA PHE A 213 12.23 -0.12 11.13
C PHE A 213 11.90 -0.20 9.64
N ILE A 214 12.99 -0.18 8.87
CA ILE A 214 12.99 -0.37 7.42
C ILE A 214 13.97 -1.49 7.11
N SER A 215 13.51 -2.43 6.30
CA SER A 215 14.26 -3.68 6.09
C SER A 215 14.19 -4.12 4.64
N ASN A 216 15.01 -5.12 4.31
CA ASN A 216 14.78 -5.91 3.08
C ASN A 216 13.35 -6.45 3.09
N ILE A 217 12.74 -6.60 1.90
CA ILE A 217 11.32 -6.97 1.77
C ILE A 217 11.04 -8.25 2.53
N ASP A 218 11.96 -9.20 2.48
CA ASP A 218 11.75 -10.57 3.04
C ASP A 218 12.22 -10.66 4.47
N SER A 219 12.40 -9.55 5.19
CA SER A 219 12.85 -9.54 6.59
C SER A 219 11.94 -10.39 7.48
N SER A 220 12.57 -11.15 8.38
CA SER A 220 11.85 -11.97 9.39
C SER A 220 12.51 -11.71 10.73
N ILE A 221 11.79 -12.02 11.79
CA ILE A 221 12.35 -11.85 13.16
C ILE A 221 13.58 -12.74 13.29
N PRO A 222 14.75 -12.20 13.68
CA PRO A 222 15.93 -13.04 13.91
C PRO A 222 15.64 -13.97 15.09
N SER A 223 15.99 -15.22 14.92
CA SER A 223 15.73 -16.22 15.98
C SER A 223 16.46 -15.79 17.25
N GLY A 224 15.76 -15.76 18.38
CA GLY A 224 16.35 -15.42 19.66
C GLY A 224 16.48 -13.92 19.91
N SER A 225 15.86 -13.09 19.05
CA SER A 225 15.97 -11.60 19.18
C SER A 225 14.98 -11.02 20.19
N THR A 226 14.64 -11.77 21.25
CA THR A 226 13.94 -11.20 22.39
C THR A 226 14.88 -10.22 23.14
N GLY A 227 14.32 -9.61 24.16
CA GLY A 227 15.07 -8.75 25.09
C GLY A 227 15.74 -7.60 24.38
N ARG A 228 17.04 -7.41 24.64
CA ARG A 228 17.78 -6.19 24.21
C ARG A 228 17.90 -6.11 22.67
N LEU A 229 17.60 -7.17 21.90
CA LEU A 229 17.80 -7.20 20.45
C LEU A 229 16.55 -6.63 19.73
N LEU A 230 15.45 -6.41 20.45
CA LEU A 230 14.27 -5.61 20.01
C LEU A 230 13.60 -6.21 18.78
N GLY A 231 13.77 -7.50 18.54
CA GLY A 231 13.19 -8.16 17.37
C GLY A 231 13.83 -7.77 16.05
N LEU A 232 15.00 -7.12 16.07
CA LEU A 232 15.60 -6.52 14.86
C LEU A 232 16.90 -7.21 14.47
N PHE A 233 17.73 -7.63 15.45
CA PHE A 233 19.13 -8.03 15.16
C PHE A 233 19.37 -9.43 15.72
N PRO A 234 20.21 -10.22 15.03
CA PRO A 234 20.51 -11.58 15.48
C PRO A 234 21.52 -11.63 16.63
N ASP A 235 22.24 -10.54 16.84
CA ASP A 235 23.27 -10.43 17.88
C ASP A 235 23.44 -8.97 18.26
N ALA A 236 24.32 -8.70 19.22
CA ALA A 236 24.52 -7.38 19.81
C ALA A 236 25.76 -6.70 19.22
N ASN A 237 26.26 -7.15 18.07
CA ASN A 237 27.47 -6.59 17.41
C ASN A 237 27.21 -5.11 17.03
N ALA B 1 -15.35 -19.10 -8.85
CA ALA B 1 -14.48 -18.19 -9.60
C ALA B 1 -14.38 -16.85 -8.86
N ASP B 2 -13.66 -15.94 -9.49
CA ASP B 2 -13.38 -14.61 -8.89
C ASP B 2 -14.68 -13.83 -8.77
N THR B 3 -14.65 -12.79 -7.93
CA THR B 3 -15.72 -11.77 -7.83
C THR B 3 -15.14 -10.48 -8.36
N ILE B 4 -15.74 -9.94 -9.40
CA ILE B 4 -15.25 -8.73 -10.10
C ILE B 4 -16.30 -7.60 -10.08
N VAL B 5 -15.86 -6.40 -9.70
CA VAL B 5 -16.54 -5.13 -10.01
C VAL B 5 -15.62 -4.32 -10.89
N ALA B 6 -16.08 -3.82 -12.02
CA ALA B 6 -15.19 -3.13 -12.94
C ALA B 6 -15.86 -1.95 -13.63
N VAL B 7 -15.03 -1.00 -13.99
CA VAL B 7 -15.38 0.05 -14.97
C VAL B 7 -14.63 -0.26 -16.24
N GLU B 8 -15.39 -0.56 -17.30
CA GLU B 8 -14.78 -0.91 -18.59
C GLU B 8 -14.78 0.27 -19.54
N LEU B 9 -13.65 0.48 -20.19
CA LEU B 9 -13.52 1.36 -21.37
C LEU B 9 -13.49 0.38 -22.56
N ASP B 10 -14.65 0.13 -23.17
CA ASP B 10 -14.84 -1.00 -24.13
C ASP B 10 -14.78 -0.41 -25.54
N THR B 11 -13.72 -0.70 -26.30
CA THR B 11 -13.40 -0.06 -27.59
C THR B 11 -14.12 -0.84 -28.70
N TYR B 12 -14.61 -2.04 -28.41
CA TYR B 12 -15.06 -2.97 -29.48
C TYR B 12 -16.42 -3.53 -29.18
N PRO B 13 -17.42 -3.25 -30.08
CA PRO B 13 -18.77 -3.73 -29.86
C PRO B 13 -18.90 -5.23 -30.13
N ASN B 14 -19.16 -5.99 -29.08
CA ASN B 14 -19.47 -7.44 -29.10
C ASN B 14 -20.98 -7.56 -28.91
N THR B 15 -21.74 -7.39 -30.00
CA THR B 15 -23.21 -7.28 -29.90
C THR B 15 -23.80 -8.62 -29.45
N ASP B 16 -23.08 -9.73 -29.65
CA ASP B 16 -23.49 -11.11 -29.27
C ASP B 16 -23.57 -11.26 -27.75
N ILE B 17 -22.86 -10.41 -26.98
CA ILE B 17 -22.91 -10.46 -25.49
C ILE B 17 -23.47 -9.14 -24.95
N GLY B 18 -24.28 -8.42 -25.73
CA GLY B 18 -25.06 -7.29 -25.24
C GLY B 18 -24.31 -5.96 -25.18
N ASP B 19 -23.13 -5.85 -25.78
CA ASP B 19 -22.50 -4.52 -26.02
C ASP B 19 -23.43 -3.69 -26.91
N PRO B 20 -23.51 -2.38 -26.65
CA PRO B 20 -24.09 -1.44 -27.61
C PRO B 20 -23.20 -1.39 -28.86
N SER B 21 -23.74 -0.86 -29.95
CA SER B 21 -23.09 -0.86 -31.28
C SER B 21 -22.10 0.28 -31.44
N TYR B 22 -21.43 0.71 -30.37
CA TYR B 22 -20.47 1.82 -30.42
C TYR B 22 -19.51 1.60 -29.25
N PRO B 23 -18.28 2.11 -29.34
CA PRO B 23 -17.40 2.12 -28.17
C PRO B 23 -18.13 2.78 -27.01
N HIS B 24 -17.91 2.29 -25.80
CA HIS B 24 -18.77 2.65 -24.66
C HIS B 24 -17.96 2.48 -23.38
N ILE B 25 -18.39 3.18 -22.35
CA ILE B 25 -17.93 2.88 -20.98
C ILE B 25 -19.04 2.14 -20.27
N GLY B 26 -18.69 1.26 -19.36
CA GLY B 26 -19.68 0.47 -18.67
C GLY B 26 -19.32 0.21 -17.22
N ILE B 27 -20.32 -0.10 -16.45
CA ILE B 27 -20.20 -0.63 -15.08
C ILE B 27 -20.53 -2.11 -15.09
N ASP B 28 -19.53 -2.91 -14.72
CA ASP B 28 -19.63 -4.38 -14.70
C ASP B 28 -19.70 -4.89 -13.28
N ILE B 29 -20.82 -5.52 -12.95
CA ILE B 29 -20.99 -6.10 -11.60
C ILE B 29 -21.10 -7.61 -11.81
N LYS B 30 -19.98 -8.31 -11.62
CA LYS B 30 -19.88 -9.80 -11.65
C LYS B 30 -20.29 -10.35 -13.02
N SER B 31 -20.24 -9.54 -14.06
CA SER B 31 -20.58 -9.97 -15.45
C SER B 31 -20.00 -9.01 -16.46
N VAL B 32 -19.54 -9.54 -17.58
CA VAL B 32 -19.07 -8.72 -18.71
C VAL B 32 -20.24 -7.93 -19.33
N ARG B 33 -21.48 -8.38 -19.07
CA ARG B 33 -22.70 -7.71 -19.58
C ARG B 33 -22.96 -6.55 -18.63
N SER B 34 -22.54 -5.37 -19.04
CA SER B 34 -22.54 -4.16 -18.18
C SER B 34 -23.96 -3.92 -17.67
N LYS B 35 -24.05 -3.57 -16.40
CA LYS B 35 -25.32 -3.14 -15.75
C LYS B 35 -25.75 -1.78 -16.27
N LYS B 36 -24.84 -0.98 -16.79
CA LYS B 36 -25.09 0.37 -17.33
C LYS B 36 -23.95 0.71 -18.27
N THR B 37 -24.25 1.35 -19.40
CA THR B 37 -23.27 1.82 -20.38
C THR B 37 -23.56 3.25 -20.77
N ALA B 38 -22.55 3.89 -21.30
CA ALA B 38 -22.66 5.20 -21.94
C ALA B 38 -21.80 5.22 -23.19
N LYS B 39 -22.29 5.92 -24.21
CA LYS B 39 -21.52 6.11 -25.44
C LYS B 39 -20.21 6.80 -25.13
N TRP B 40 -19.14 6.32 -25.75
CA TRP B 40 -17.77 6.85 -25.56
C TRP B 40 -17.11 7.16 -26.88
N ASN B 41 -16.72 8.42 -27.09
CA ASN B 41 -15.99 8.92 -28.28
C ASN B 41 -14.50 8.70 -28.08
N MET B 42 -14.06 7.44 -28.11
CA MET B 42 -12.64 7.06 -27.99
C MET B 42 -11.87 7.78 -29.10
N GLN B 43 -10.74 8.37 -28.76
CA GLN B 43 -9.88 9.10 -29.71
C GLN B 43 -8.59 8.29 -29.90
N ASN B 44 -8.51 7.61 -31.02
CA ASN B 44 -7.34 6.78 -31.38
C ASN B 44 -6.08 7.62 -31.31
N GLY B 45 -5.13 7.21 -30.46
CA GLY B 45 -3.80 7.80 -30.34
C GLY B 45 -3.71 8.99 -29.38
N LYS B 46 -4.80 9.34 -28.69
CA LYS B 46 -4.82 10.50 -27.77
C LYS B 46 -4.73 9.99 -26.33
N VAL B 47 -4.08 10.73 -25.45
CA VAL B 47 -4.07 10.37 -24.01
C VAL B 47 -5.38 10.82 -23.38
N GLY B 48 -6.07 9.91 -22.72
CA GLY B 48 -7.33 10.13 -22.00
C GLY B 48 -7.14 9.95 -20.49
N THR B 49 -8.17 10.35 -19.75
CA THR B 49 -8.24 10.24 -18.29
C THR B 49 -9.53 9.54 -17.93
N ALA B 50 -9.46 8.59 -16.99
CA ALA B 50 -10.61 7.91 -16.38
C ALA B 50 -10.62 8.25 -14.90
N HIS B 51 -11.80 8.58 -14.38
CA HIS B 51 -12.00 8.89 -12.96
C HIS B 51 -13.17 8.05 -12.44
N ILE B 52 -12.97 7.31 -11.37
CA ILE B 52 -13.97 6.39 -10.80
C ILE B 52 -14.16 6.77 -9.34
N ILE B 53 -15.42 6.86 -8.90
CA ILE B 53 -15.70 7.28 -7.52
C ILE B 53 -16.83 6.46 -6.95
N TYR B 54 -16.80 6.27 -5.64
CA TYR B 54 -17.86 5.57 -4.88
C TYR B 54 -17.76 5.98 -3.44
N ASN B 55 -18.91 6.17 -2.78
CA ASN B 55 -18.90 6.30 -1.31
C ASN B 55 -20.09 5.54 -0.75
N SER B 56 -20.02 5.23 0.51
CA SER B 56 -20.96 4.34 1.23
C SER B 56 -22.22 5.15 1.61
N VAL B 57 -22.22 6.46 1.44
CA VAL B 57 -23.43 7.29 1.73
C VAL B 57 -24.40 7.15 0.55
N ASP B 58 -23.93 7.46 -0.65
CA ASP B 58 -24.76 7.44 -1.88
C ASP B 58 -24.85 6.01 -2.44
N LYS B 59 -23.82 5.19 -2.25
CA LYS B 59 -23.67 3.83 -2.84
C LYS B 59 -24.00 3.90 -4.35
N ARG B 60 -23.33 4.81 -5.02
CA ARG B 60 -23.44 5.03 -6.47
C ARG B 60 -22.03 4.93 -7.05
N LEU B 61 -21.79 3.96 -7.90
CA LEU B 61 -20.46 3.84 -8.56
C LEU B 61 -20.55 4.71 -9.82
N SER B 62 -19.67 5.69 -9.95
CA SER B 62 -19.66 6.61 -11.10
C SER B 62 -18.29 6.65 -11.76
N ALA B 63 -18.29 6.82 -13.06
CA ALA B 63 -17.05 7.00 -13.84
C ALA B 63 -17.21 8.12 -14.82
N VAL B 64 -16.10 8.80 -15.06
CA VAL B 64 -15.98 9.83 -16.12
C VAL B 64 -14.75 9.52 -16.92
N VAL B 65 -14.90 9.48 -18.24
CA VAL B 65 -13.76 9.27 -19.13
C VAL B 65 -13.72 10.43 -20.09
N SER B 66 -12.55 11.03 -20.23
CA SER B 66 -12.47 12.22 -21.09
C SER B 66 -11.12 12.40 -21.72
N TYR B 67 -11.12 13.22 -22.77
CA TYR B 67 -9.89 13.70 -23.42
C TYR B 67 -9.86 15.22 -23.28
N PRO B 68 -8.66 15.81 -23.21
CA PRO B 68 -8.52 17.26 -23.13
C PRO B 68 -9.31 17.95 -24.27
N ASN B 69 -10.05 18.99 -23.90
CA ASN B 69 -10.80 19.85 -24.87
C ASN B 69 -11.88 19.07 -25.61
N ALA B 70 -12.36 17.95 -25.09
CA ALA B 70 -13.53 17.26 -25.67
C ALA B 70 -14.53 17.03 -24.56
N ASP B 71 -15.79 16.77 -24.91
CA ASP B 71 -16.88 16.45 -23.97
C ASP B 71 -16.61 15.09 -23.32
N SER B 72 -16.89 14.96 -22.04
CA SER B 72 -16.63 13.70 -21.30
C SER B 72 -17.80 12.73 -21.54
N ALA B 73 -17.57 11.43 -21.27
CA ALA B 73 -18.62 10.41 -21.12
C ALA B 73 -18.68 10.08 -19.63
N THR B 74 -19.88 9.83 -19.11
CA THR B 74 -20.07 9.50 -17.70
C THR B 74 -21.06 8.36 -17.63
N VAL B 75 -20.84 7.46 -16.68
CA VAL B 75 -21.79 6.37 -16.40
C VAL B 75 -21.87 6.18 -14.89
N SER B 76 -23.06 5.92 -14.37
CA SER B 76 -23.33 5.75 -12.94
C SER B 76 -24.25 4.58 -12.76
N TYR B 77 -24.10 3.88 -11.66
CA TYR B 77 -24.98 2.77 -11.29
C TYR B 77 -25.05 2.68 -9.78
N ASP B 78 -26.28 2.60 -9.27
CA ASP B 78 -26.52 2.41 -7.84
C ASP B 78 -26.27 0.94 -7.53
N VAL B 79 -25.33 0.70 -6.62
CA VAL B 79 -24.96 -0.65 -6.15
C VAL B 79 -24.37 -0.56 -4.75
N ASP B 80 -24.86 -1.38 -3.83
CA ASP B 80 -24.30 -1.54 -2.47
C ASP B 80 -23.16 -2.55 -2.56
N LEU B 81 -21.92 -2.09 -2.64
CA LEU B 81 -20.76 -3.01 -2.81
C LEU B 81 -20.56 -3.91 -1.60
N ASP B 82 -21.13 -3.60 -0.43
CA ASP B 82 -21.07 -4.53 0.73
C ASP B 82 -21.73 -5.87 0.40
N ASN B 83 -22.67 -5.87 -0.54
CA ASN B 83 -23.46 -7.06 -0.95
C ASN B 83 -22.83 -7.72 -2.18
N VAL B 84 -21.71 -7.21 -2.69
CA VAL B 84 -21.10 -7.73 -3.95
C VAL B 84 -19.69 -8.24 -3.67
N LEU B 85 -18.85 -7.39 -3.09
CA LEU B 85 -17.42 -7.68 -2.90
C LEU B 85 -17.17 -8.25 -1.52
N PRO B 86 -16.07 -9.01 -1.37
CA PRO B 86 -15.54 -9.31 -0.05
C PRO B 86 -15.06 -8.02 0.61
N GLU B 87 -14.96 -8.03 1.94
CA GLU B 87 -14.51 -6.84 2.71
C GLU B 87 -13.12 -6.42 2.25
N TRP B 88 -12.25 -7.39 2.02
CA TRP B 88 -10.85 -7.15 1.59
C TRP B 88 -10.74 -7.55 0.12
N VAL B 89 -10.08 -6.68 -0.63
CA VAL B 89 -10.02 -6.81 -2.11
C VAL B 89 -8.60 -6.50 -2.57
N ARG B 90 -8.33 -6.76 -3.85
CA ARG B 90 -7.26 -6.05 -4.53
C ARG B 90 -7.86 -5.17 -5.60
N VAL B 91 -7.15 -4.10 -5.93
CA VAL B 91 -7.54 -3.19 -7.03
C VAL B 91 -6.52 -3.29 -8.18
N GLY B 92 -7.00 -3.11 -9.40
CA GLY B 92 -6.12 -3.32 -10.55
C GLY B 92 -6.63 -2.71 -11.82
N LEU B 93 -5.78 -2.80 -12.83
CA LEU B 93 -6.10 -2.43 -14.23
C LEU B 93 -5.95 -3.69 -15.07
N SER B 94 -6.84 -3.83 -16.04
CA SER B 94 -6.82 -5.00 -16.95
C SER B 94 -7.01 -4.49 -18.37
N ALA B 95 -6.49 -5.24 -19.35
CA ALA B 95 -6.80 -4.90 -20.75
C ALA B 95 -6.61 -6.14 -21.62
N SER B 96 -7.18 -6.09 -22.82
CA SER B 96 -7.10 -7.26 -23.70
C SER B 96 -7.12 -6.78 -25.15
N THR B 97 -6.71 -7.68 -26.03
CA THR B 97 -6.90 -7.60 -27.51
C THR B 97 -7.37 -8.99 -27.96
N GLY B 98 -7.86 -9.11 -29.20
CA GLY B 98 -8.40 -10.39 -29.69
C GLY B 98 -7.99 -10.56 -31.15
N LEU B 99 -8.96 -10.66 -32.06
CA LEU B 99 -8.67 -10.61 -33.51
C LEU B 99 -8.22 -9.21 -33.89
N TYR B 100 -8.80 -8.20 -33.23
CA TYR B 100 -8.44 -6.79 -33.42
C TYR B 100 -7.68 -6.31 -32.17
N LYS B 101 -6.95 -5.23 -32.34
CA LYS B 101 -5.92 -4.87 -31.34
C LYS B 101 -5.78 -3.37 -31.17
N GLU B 102 -5.03 -3.00 -30.14
CA GLU B 102 -4.73 -1.63 -29.78
C GLU B 102 -3.65 -1.64 -28.70
N THR B 103 -2.94 -0.55 -28.55
CA THR B 103 -2.09 -0.30 -27.36
C THR B 103 -3.04 -0.13 -26.18
N ASN B 104 -2.64 -0.64 -25.01
CA ASN B 104 -3.40 -0.46 -23.75
C ASN B 104 -2.41 0.11 -22.73
N THR B 105 -1.93 1.31 -23.05
CA THR B 105 -0.79 1.96 -22.38
C THR B 105 -1.33 2.80 -21.23
N ILE B 106 -0.82 2.55 -20.03
CA ILE B 106 -1.21 3.33 -18.82
C ILE B 106 -0.06 4.24 -18.47
N LEU B 107 -0.33 5.54 -18.44
CA LEU B 107 0.69 6.57 -18.17
C LEU B 107 0.68 6.95 -16.69
N SER B 108 -0.43 6.74 -15.99
CA SER B 108 -0.50 7.10 -14.55
C SER B 108 -1.66 6.32 -13.95
N TRP B 109 -1.56 6.06 -12.66
CA TRP B 109 -2.66 5.39 -11.92
C TRP B 109 -2.59 5.88 -10.48
N SER B 110 -3.70 6.39 -9.94
CA SER B 110 -3.79 6.72 -8.50
C SER B 110 -5.05 6.09 -7.92
N PHE B 111 -5.00 5.82 -6.64
CA PHE B 111 -6.11 5.21 -5.89
C PHE B 111 -6.06 5.73 -4.46
N THR B 112 -7.24 6.00 -3.91
CA THR B 112 -7.40 6.41 -2.50
C THR B 112 -8.61 5.71 -1.93
N SER B 113 -8.49 5.08 -0.76
CA SER B 113 -9.61 4.46 -0.06
C SER B 113 -9.57 4.89 1.41
N LYS B 114 -10.74 5.18 2.00
CA LYS B 114 -10.84 5.61 3.40
C LYS B 114 -12.02 4.88 4.06
N LEU B 115 -11.83 4.49 5.29
CA LEU B 115 -12.88 3.86 6.13
C LEU B 115 -12.90 4.63 7.46
N LYS B 116 -14.05 5.19 7.86
CA LYS B 116 -14.21 5.85 9.20
C LYS B 116 -14.99 4.91 10.15
N SER B 117 -14.45 4.59 11.34
CA SER B 117 -15.05 3.58 12.26
C SER B 117 -16.27 4.18 12.96
N ASN B 118 -17.33 3.37 13.08
CA ASN B 118 -18.55 3.80 13.79
C ASN B 118 -18.24 3.95 15.27
N SER B 119 -17.30 3.17 15.80
CA SER B 119 -17.04 3.11 17.26
C SER B 119 -16.16 4.29 17.69
N THR B 120 -15.18 4.71 16.89
CA THR B 120 -14.21 5.75 17.31
C THR B 120 -14.29 7.01 16.45
N HIS B 121 -14.88 6.93 15.24
CA HIS B 121 -14.89 8.05 14.26
C HIS B 121 -13.46 8.42 13.87
N GLU B 122 -12.51 7.48 13.97
CA GLU B 122 -11.14 7.61 13.44
C GLU B 122 -11.12 6.96 12.05
N THR B 123 -10.19 7.38 11.20
CA THR B 123 -10.15 6.95 9.79
C THR B 123 -8.89 6.11 9.55
N ASN B 124 -9.08 5.03 8.77
CA ASN B 124 -7.99 4.24 8.15
C ASN B 124 -7.96 4.63 6.68
N ALA B 125 -6.76 4.84 6.10
CA ALA B 125 -6.71 5.31 4.69
C ALA B 125 -5.56 4.61 3.98
N LEU B 126 -5.75 4.42 2.67
CA LEU B 126 -4.66 4.01 1.76
C LEU B 126 -4.65 4.96 0.59
N HIS B 127 -3.47 5.36 0.15
CA HIS B 127 -3.35 6.13 -1.10
C HIS B 127 -2.09 5.66 -1.80
N PHE B 128 -2.17 5.45 -3.11
CA PHE B 128 -0.96 5.28 -3.92
C PHE B 128 -1.14 6.14 -5.19
N MET B 129 -0.02 6.59 -5.71
CA MET B 129 0.06 7.38 -6.96
C MET B 129 1.26 6.92 -7.77
N PHE B 130 1.02 6.41 -8.97
CA PHE B 130 2.06 6.07 -9.96
C PHE B 130 1.93 7.08 -11.09
N ASN B 131 2.91 7.96 -11.21
CA ASN B 131 2.99 8.80 -12.42
C ASN B 131 4.02 8.25 -13.39
N GLN B 132 4.90 7.38 -12.91
CA GLN B 132 5.87 6.65 -13.73
C GLN B 132 5.94 5.23 -13.17
N PHE B 133 6.17 4.29 -14.07
CA PHE B 133 6.32 2.87 -13.73
C PHE B 133 7.77 2.50 -14.03
N SER B 134 8.46 1.82 -13.10
CA SER B 134 9.87 1.39 -13.33
C SER B 134 9.89 -0.01 -13.92
N LYS B 135 11.05 -0.42 -14.44
CA LYS B 135 11.22 -1.77 -15.04
C LYS B 135 10.98 -2.84 -13.98
N ASP B 136 11.26 -2.54 -12.71
CA ASP B 136 11.00 -3.52 -11.63
C ASP B 136 10.11 -2.85 -10.59
N GLN B 137 8.80 -2.89 -10.80
CA GLN B 137 7.82 -2.15 -9.97
C GLN B 137 7.27 -3.12 -8.92
N LYS B 138 7.97 -3.24 -7.78
CA LYS B 138 7.77 -4.36 -6.84
C LYS B 138 6.41 -4.26 -6.11
N ASP B 139 5.77 -3.10 -6.13
CA ASP B 139 4.43 -2.95 -5.49
C ASP B 139 3.30 -3.17 -6.48
N LEU B 140 3.62 -3.65 -7.69
CA LEU B 140 2.59 -4.13 -8.63
C LEU B 140 2.74 -5.62 -8.88
N ILE B 141 1.62 -6.32 -8.85
CA ILE B 141 1.49 -7.70 -9.31
C ILE B 141 1.15 -7.64 -10.80
N LEU B 142 2.07 -8.05 -11.66
CA LEU B 142 1.81 -8.08 -13.12
C LEU B 142 1.35 -9.48 -13.49
N GLN B 143 0.25 -9.55 -14.23
CA GLN B 143 -0.37 -10.81 -14.67
C GLN B 143 -0.39 -10.82 -16.20
N GLY B 144 -0.27 -12.01 -16.77
CA GLY B 144 -0.34 -12.17 -18.24
C GLY B 144 0.77 -11.39 -18.94
N ASP B 145 0.39 -10.58 -19.92
CA ASP B 145 1.31 -9.86 -20.83
C ASP B 145 1.75 -8.52 -20.28
N ALA B 146 1.22 -8.08 -19.14
CA ALA B 146 1.54 -6.72 -18.64
C ALA B 146 3.03 -6.57 -18.36
N THR B 147 3.60 -5.44 -18.76
CA THR B 147 5.02 -5.10 -18.53
C THR B 147 5.10 -3.65 -18.07
N THR B 148 6.16 -3.31 -17.32
CA THR B 148 6.43 -1.91 -16.92
C THR B 148 7.80 -1.45 -17.36
N GLY B 149 7.96 -0.12 -17.49
CA GLY B 149 9.27 0.55 -17.62
C GLY B 149 9.51 1.04 -19.03
N THR B 150 8.85 0.47 -20.04
CA THR B 150 8.93 0.92 -21.46
C THR B 150 8.50 2.40 -21.51
N ASP B 151 9.45 3.34 -21.67
CA ASP B 151 9.17 4.79 -21.63
C ASP B 151 8.51 5.19 -20.30
N GLY B 152 8.70 4.45 -19.19
CA GLY B 152 8.10 4.74 -17.87
C GLY B 152 6.61 4.46 -17.80
N ASN B 153 6.09 3.71 -18.77
CA ASN B 153 4.66 3.37 -18.83
C ASN B 153 4.41 1.91 -18.45
N LEU B 154 3.16 1.61 -18.16
CA LEU B 154 2.62 0.28 -17.92
C LEU B 154 1.91 -0.14 -19.21
N GLU B 155 2.43 -1.14 -19.90
CA GLU B 155 1.80 -1.68 -21.13
C GLU B 155 1.01 -2.91 -20.71
N LEU B 156 -0.31 -2.80 -20.63
CA LEU B 156 -1.11 -3.93 -20.13
C LEU B 156 -1.08 -5.09 -21.13
N THR B 157 -1.10 -4.80 -22.43
CA THR B 157 -1.03 -5.85 -23.47
C THR B 157 0.23 -5.69 -24.32
N ARG B 158 0.53 -6.73 -25.11
CA ARG B 158 1.81 -6.84 -25.86
C ARG B 158 1.94 -5.76 -26.94
N VAL B 159 3.09 -5.11 -26.96
CA VAL B 159 3.45 -4.10 -27.99
C VAL B 159 4.85 -4.49 -28.49
N SER B 160 5.09 -4.38 -29.81
CA SER B 160 6.43 -4.63 -30.40
C SER B 160 7.39 -3.48 -30.04
N SER B 161 8.69 -3.61 -30.36
CA SER B 161 9.72 -2.56 -30.16
C SER B 161 9.33 -1.24 -30.86
N ASN B 162 8.69 -1.30 -32.02
CA ASN B 162 8.34 -0.08 -32.81
C ASN B 162 6.94 0.41 -32.40
N GLY B 163 6.35 -0.15 -31.34
CA GLY B 163 5.09 0.35 -30.75
C GLY B 163 3.83 -0.28 -31.35
N SER B 164 3.96 -1.27 -32.23
CA SER B 164 2.80 -1.94 -32.88
C SER B 164 2.12 -2.88 -31.89
N PRO B 165 0.82 -2.67 -31.60
CA PRO B 165 0.11 -3.56 -30.69
C PRO B 165 -0.13 -4.94 -31.30
N GLN B 166 -0.19 -5.96 -30.45
CA GLN B 166 -0.35 -7.36 -30.88
C GLN B 166 -1.76 -7.81 -30.52
N GLY B 167 -2.31 -8.71 -31.34
CA GLY B 167 -3.59 -9.36 -31.08
C GLY B 167 -3.50 -10.45 -30.02
N SER B 168 -4.64 -11.02 -29.64
CA SER B 168 -4.76 -12.17 -28.70
C SER B 168 -3.88 -11.96 -27.45
N SER B 169 -4.00 -10.79 -26.80
CA SER B 169 -3.14 -10.42 -25.66
C SER B 169 -4.05 -10.13 -24.47
N VAL B 170 -3.61 -10.43 -23.27
CA VAL B 170 -4.36 -10.01 -22.05
C VAL B 170 -3.33 -9.77 -20.96
N GLY B 171 -3.56 -8.73 -20.16
CA GLY B 171 -2.61 -8.45 -19.07
C GLY B 171 -3.25 -7.59 -18.02
N ARG B 172 -2.73 -7.69 -16.80
CA ARG B 172 -3.32 -6.92 -15.68
C ARG B 172 -2.21 -6.49 -14.75
N ALA B 173 -2.47 -5.44 -13.99
CA ALA B 173 -1.58 -4.98 -12.91
C ALA B 173 -2.42 -4.78 -11.66
N LEU B 174 -2.04 -5.41 -10.55
CA LEU B 174 -2.82 -5.23 -9.29
C LEU B 174 -1.90 -4.59 -8.26
N PHE B 175 -2.44 -3.68 -7.46
CA PHE B 175 -1.61 -3.16 -6.35
C PHE B 175 -1.32 -4.28 -5.35
N TYR B 176 -0.11 -4.28 -4.79
CA TYR B 176 0.36 -5.43 -3.98
C TYR B 176 -0.50 -5.56 -2.72
N ALA B 177 -0.78 -4.45 -2.02
CA ALA B 177 -1.49 -4.52 -0.71
C ALA B 177 -2.97 -4.80 -0.94
N PRO B 178 -3.55 -5.71 -0.15
CA PRO B 178 -5.00 -5.79 0.00
C PRO B 178 -5.56 -4.47 0.52
N VAL B 179 -6.79 -4.20 0.13
CA VAL B 179 -7.55 -2.96 0.41
C VAL B 179 -8.81 -3.34 1.16
N HIS B 180 -9.10 -2.62 2.23
CA HIS B 180 -10.31 -2.84 3.03
C HIS B 180 -11.39 -1.95 2.42
N ILE B 181 -12.24 -2.48 1.54
CA ILE B 181 -13.10 -1.65 0.68
C ILE B 181 -14.43 -1.36 1.35
N TRP B 182 -14.90 -2.19 2.29
CA TRP B 182 -16.12 -1.91 3.08
C TRP B 182 -15.99 -2.56 4.44
N GLU B 183 -16.77 -2.09 5.41
CA GLU B 183 -16.78 -2.65 6.77
C GLU B 183 -18.15 -2.31 7.39
N SER B 184 -18.87 -3.29 7.92
CA SER B 184 -20.26 -3.04 8.43
C SER B 184 -20.15 -2.00 9.56
N SER B 185 -19.05 -2.06 10.31
CA SER B 185 -18.76 -1.16 11.45
C SER B 185 -18.15 0.19 11.03
N ALA B 186 -18.10 0.52 9.73
CA ALA B 186 -17.65 1.85 9.22
C ALA B 186 -18.86 2.76 9.07
N VAL B 187 -18.79 3.98 9.61
CA VAL B 187 -19.88 4.97 9.46
C VAL B 187 -19.82 5.63 8.08
N VAL B 188 -18.62 5.82 7.49
CA VAL B 188 -18.48 6.43 6.13
C VAL B 188 -17.27 5.77 5.46
N ALA B 189 -17.39 5.40 4.19
CA ALA B 189 -16.26 4.77 3.44
C ALA B 189 -16.29 5.32 2.03
N SER B 190 -15.12 5.51 1.40
CA SER B 190 -15.10 6.01 0.02
C SER B 190 -13.89 5.45 -0.69
N PHE B 191 -13.94 5.40 -2.01
CA PHE B 191 -12.70 5.24 -2.81
C PHE B 191 -12.78 6.09 -4.04
N GLU B 192 -11.61 6.37 -4.58
CA GLU B 192 -11.53 7.01 -5.90
C GLU B 192 -10.33 6.43 -6.61
N ALA B 193 -10.45 6.26 -7.91
CA ALA B 193 -9.36 5.80 -8.79
C ALA B 193 -9.29 6.74 -9.97
N THR B 194 -8.08 7.03 -10.42
CA THR B 194 -7.85 7.82 -11.64
C THR B 194 -6.78 7.12 -12.44
N PHE B 195 -6.92 7.05 -13.76
CA PHE B 195 -5.74 6.61 -14.55
C PHE B 195 -5.74 7.35 -15.87
N THR B 196 -4.57 7.49 -16.43
CA THR B 196 -4.41 8.06 -17.79
C THR B 196 -3.94 6.96 -18.72
N PHE B 197 -4.42 7.00 -19.97
CA PHE B 197 -4.26 5.86 -20.89
C PHE B 197 -4.05 6.39 -22.31
N LEU B 198 -3.44 5.55 -23.12
CA LEU B 198 -3.18 5.87 -24.56
C LEU B 198 -3.56 4.62 -25.34
N ILE B 199 -4.70 4.65 -26.03
CA ILE B 199 -5.21 3.53 -26.86
C ILE B 199 -4.97 3.94 -28.31
N LYS B 200 -4.14 3.20 -29.02
CA LYS B 200 -3.77 3.55 -30.42
C LYS B 200 -3.88 2.26 -31.23
N SER B 201 -4.47 2.31 -32.42
CA SER B 201 -4.65 1.08 -33.24
C SER B 201 -4.33 1.45 -34.69
N PRO B 202 -3.67 0.59 -35.48
CA PRO B 202 -3.65 0.76 -36.94
C PRO B 202 -4.91 0.17 -37.59
N ASP B 203 -5.64 -0.67 -36.84
CA ASP B 203 -6.92 -1.33 -37.24
C ASP B 203 -8.07 -0.31 -37.28
N SER B 204 -8.87 -0.32 -38.35
CA SER B 204 -10.11 0.48 -38.50
C SER B 204 -11.03 0.28 -37.29
N HIS B 205 -11.03 -0.93 -36.71
CA HIS B 205 -11.68 -1.26 -35.43
C HIS B 205 -10.60 -1.59 -34.38
N PRO B 206 -10.29 -0.68 -33.44
CA PRO B 206 -9.49 -1.05 -32.27
C PRO B 206 -10.27 -2.04 -31.40
N ALA B 207 -9.55 -2.87 -30.62
CA ALA B 207 -10.14 -3.79 -29.62
C ALA B 207 -9.06 -4.12 -28.60
N ASP B 208 -9.45 -4.46 -27.36
CA ASP B 208 -10.78 -4.69 -26.87
C ASP B 208 -11.18 -3.70 -25.76
N GLY B 209 -10.19 -3.18 -25.03
CA GLY B 209 -10.47 -2.14 -24.03
C GLY B 209 -9.59 -2.30 -22.81
N ILE B 210 -9.82 -1.37 -21.86
CA ILE B 210 -9.11 -1.30 -20.56
C ILE B 210 -10.17 -1.28 -19.49
N ALA B 211 -9.89 -1.84 -18.32
CA ALA B 211 -10.83 -1.76 -17.21
C ALA B 211 -10.07 -1.44 -15.94
N PHE B 212 -10.69 -0.64 -15.09
CA PHE B 212 -10.30 -0.57 -13.66
C PHE B 212 -11.17 -1.61 -12.95
N PHE B 213 -10.59 -2.43 -12.08
CA PHE B 213 -11.37 -3.49 -11.42
C PHE B 213 -10.99 -3.64 -9.96
N ILE B 214 -11.92 -4.20 -9.23
CA ILE B 214 -11.82 -4.59 -7.81
C ILE B 214 -12.20 -6.07 -7.75
N SER B 215 -11.38 -6.85 -7.11
CA SER B 215 -11.51 -8.31 -7.09
C SER B 215 -11.24 -8.90 -5.72
N ASN B 216 -11.59 -10.18 -5.59
CA ASN B 216 -11.04 -10.99 -4.48
C ASN B 216 -9.51 -10.88 -4.53
N ILE B 217 -8.85 -10.94 -3.36
CA ILE B 217 -7.40 -10.67 -3.27
C ILE B 217 -6.61 -11.61 -4.18
N ASP B 218 -7.06 -12.87 -4.31
CA ASP B 218 -6.27 -13.91 -5.03
C ASP B 218 -6.71 -13.99 -6.50
N SER B 219 -7.31 -12.96 -7.06
CA SER B 219 -7.77 -12.93 -8.46
C SER B 219 -6.62 -13.11 -9.44
N SER B 220 -6.88 -13.91 -10.49
CA SER B 220 -5.94 -14.19 -11.59
C SER B 220 -6.72 -14.00 -12.89
N ILE B 221 -5.99 -13.80 -13.99
CA ILE B 221 -6.63 -13.70 -15.33
C ILE B 221 -7.35 -15.01 -15.58
N PRO B 222 -8.68 -15.03 -15.83
CA PRO B 222 -9.36 -16.28 -16.15
C PRO B 222 -8.81 -16.87 -17.45
N SER B 223 -8.73 -18.19 -17.44
CA SER B 223 -8.35 -18.97 -18.64
C SER B 223 -9.19 -18.48 -19.83
N GLY B 224 -8.52 -18.14 -20.94
CA GLY B 224 -9.18 -17.84 -22.22
C GLY B 224 -9.71 -16.41 -22.29
N SER B 225 -9.50 -15.57 -21.27
CA SER B 225 -10.17 -14.24 -21.17
C SER B 225 -9.47 -13.15 -21.98
N THR B 226 -8.89 -13.47 -23.15
CA THR B 226 -8.50 -12.45 -24.15
C THR B 226 -9.79 -11.86 -24.75
N GLY B 227 -9.60 -10.91 -25.66
CA GLY B 227 -10.69 -10.33 -26.47
C GLY B 227 -11.79 -9.74 -25.61
N ARG B 228 -13.04 -10.10 -25.89
CA ARG B 228 -14.22 -9.41 -25.32
C ARG B 228 -14.32 -9.58 -23.79
N LEU B 229 -13.60 -10.52 -23.15
CA LEU B 229 -13.78 -10.79 -21.72
C LEU B 229 -12.81 -9.89 -20.90
N LEU B 230 -11.93 -9.14 -21.58
CA LEU B 230 -11.15 -8.01 -20.98
C LEU B 230 -10.25 -8.47 -19.86
N GLY B 231 -9.88 -9.76 -19.81
CA GLY B 231 -9.02 -10.27 -18.73
C GLY B 231 -9.73 -10.36 -17.40
N LEU B 232 -11.06 -10.24 -17.33
CA LEU B 232 -11.81 -10.15 -16.05
C LEU B 232 -12.71 -11.33 -15.83
N PHE B 233 -13.33 -11.90 -16.90
CA PHE B 233 -14.44 -12.87 -16.71
C PHE B 233 -14.11 -14.20 -17.40
N PRO B 234 -14.57 -15.32 -16.82
CA PRO B 234 -14.27 -16.64 -17.39
C PRO B 234 -15.18 -16.97 -18.58
N ASP B 235 -16.27 -16.25 -18.71
CA ASP B 235 -17.30 -16.49 -19.75
C ASP B 235 -18.09 -15.21 -19.93
N ALA B 236 -19.05 -15.21 -20.83
CA ALA B 236 -19.81 -14.01 -21.23
C ALA B 236 -21.19 -14.03 -20.58
N ASN B 237 -21.40 -14.83 -19.54
CA ASN B 237 -22.67 -14.91 -18.80
C ASN B 237 -22.98 -13.54 -18.16
MN MN E . 19.50 1.15 22.99
CA CA F . 18.10 -1.68 25.65
C1 MAN G . 17.50 -9.89 30.30
C2 MAN G . 17.72 -10.18 28.83
C3 MAN G . 18.05 -8.88 28.09
C4 MAN G . 16.90 -7.93 28.32
C5 MAN G . 16.56 -7.74 29.77
C6 MAN G . 15.23 -7.04 29.98
O2 MAN G . 16.56 -10.80 28.26
O3 MAN G . 18.23 -9.18 26.69
O4 MAN G . 17.21 -6.65 27.78
O5 MAN G . 16.45 -8.97 30.53
O6 MAN G . 14.11 -7.63 29.48
MN MN H . -18.94 -3.71 -23.16
CA CA I . -16.57 -5.30 -26.15
C1 MAN J . -12.55 -11.72 -31.87
C2 MAN J . -12.57 -12.30 -30.47
C3 MAN J . -13.37 -11.38 -29.54
C4 MAN J . -12.84 -9.97 -29.62
C5 MAN J . -12.71 -9.43 -31.04
C6 MAN J . -11.87 -8.18 -31.08
O2 MAN J . -11.23 -12.50 -30.02
O3 MAN J . -13.37 -11.90 -28.21
O4 MAN J . -13.73 -9.12 -28.85
O5 MAN J . -12.07 -10.39 -31.96
O6 MAN J . -10.56 -8.38 -30.75
C1 SQ0 K . 18.67 -9.07 32.24
C2 SQ0 K . 19.96 -8.38 32.59
C3 SQ0 K . 21.18 -6.36 32.13
C4 SQ0 K . 21.71 -6.03 33.53
C5 SQ0 K . 20.01 -5.43 35.18
O1 SQ0 K . 19.90 -6.98 32.23
N1 SQ0 K . 20.87 -5.08 34.25
C6 SQ0 K . 18.95 -4.73 35.81
C7 SQ0 K . 18.59 -5.91 36.63
C8 SQ0 K . 19.70 -6.65 35.96
O2 SQ0 K . 20.14 -7.79 36.05
O3 SQ0 K . 17.77 -6.15 37.50
O4 SQ0 K . 17.29 3.98 35.35
C9 SQ0 K . 17.06 2.72 34.72
C10 SQ0 K . 17.10 1.55 35.68
C11 SQ0 K . 16.39 0.30 35.16
C12 SQ0 K . 17.08 -1.01 35.46
C13 SQ0 K . 18.58 -1.07 35.10
C14 SQ0 K . 19.18 -2.46 34.94
N2 SQ0 K . 18.48 -3.49 35.70
O6 SQ0 K . 18.69 -9.35 30.84
C1 SQ0 L . -14.07 -11.17 -33.61
C2 SQ0 L . -15.54 -11.13 -33.95
C3 SQ0 L . -17.61 -10.07 -33.38
C4 SQ0 L . -17.54 -9.54 -34.79
C5 SQ0 L . -18.98 -7.51 -34.71
O1 SQ0 L . -16.21 -10.12 -33.20
N1 SQ0 L . -18.56 -8.64 -35.23
C6 SQ0 L . -19.03 -6.17 -35.20
C7 SQ0 L . -20.00 -5.80 -34.17
C8 SQ0 L . -20.00 -7.22 -33.71
O2 SQ0 L . -20.60 -7.88 -32.87
O3 SQ0 L . -20.56 -4.77 -33.84
O4 SQ0 L . -13.75 -3.94 -41.39
C9 SQ0 L . -13.67 -3.41 -40.07
C10 SQ0 L . -14.98 -2.74 -39.66
C11 SQ0 L . -15.37 -2.95 -38.21
C12 SQ0 L . -15.31 -4.39 -37.76
C13 SQ0 L . -16.11 -4.67 -36.49
C14 SQ0 L . -17.07 -5.83 -36.62
N2 SQ0 L . -18.39 -5.48 -36.12
O6 SQ0 L . -13.88 -11.75 -32.31
#